data_3BWH
#
_entry.id   3BWH
#
_cell.length_a   41.763
_cell.length_b   58.782
_cell.length_c   99.523
_cell.angle_alpha   90.00
_cell.angle_beta   90.00
_cell.angle_gamma   90.00
#
_symmetry.space_group_name_H-M   'P 21 21 21'
#
loop_
_entity.id
_entity.type
_entity.pdbx_description
1 polymer cucurmosin
2 branched beta-D-xylopyranose-(1-2)-[alpha-D-mannopyranose-(1-3)][alpha-D-mannopyranose-(1-6)]beta-D-mannopyranose-(1-4)-2-acetamido-2-deoxy-beta-D-glucopyranose-(1-4)-2-acetamido-2-deoxy-beta-D-glucopyranose
3 non-polymer 'PHOSPHATE ION'
4 non-polymer 1,2-ETHANEDIOL
5 water water
#
_entity_poly.entity_id   1
_entity_poly.type   'polypeptide(L)'
_entity_poly.pdbx_seq_one_letter_code
;NVRFDLSSATSSSYKTFIKNLREALPKDGKVYDIPVLLSTVMDSRRFILIDLVNYDGQSITAAIDVLNVYIVAYSTGTVS
YFFQQVPAQAPKLLFKGTQQRTLPYTGNYENLQTAAKKLRENIELGLPALDSAITTLFHYNAEAAASALLVLIQTTSEAA
RFRYIELQIANNVGTKFKPSQTIISLENNWSALSKQIQIAKNKNGQFETPVILIDPQGNRVQITNVTSNVVTQNIQLLLN
IGATA
;
_entity_poly.pdbx_strand_id   A
#
# COMPACT_ATOMS: atom_id res chain seq x y z
N ASN A 1 -0.91 18.03 -2.80
CA ASN A 1 -0.81 16.56 -2.57
C ASN A 1 -1.33 15.77 -3.76
N VAL A 2 -0.70 14.64 -4.08
CA VAL A 2 -1.24 13.69 -5.04
C VAL A 2 -2.64 13.27 -4.56
N ARG A 3 -3.63 13.38 -5.44
CA ARG A 3 -5.04 13.30 -5.03
C ARG A 3 -5.82 12.36 -5.95
N PHE A 4 -6.70 11.56 -5.35
CA PHE A 4 -7.64 10.74 -6.11
C PHE A 4 -9.05 11.12 -5.70
N ASP A 5 -9.88 11.51 -6.65
CA ASP A 5 -11.28 11.83 -6.34
C ASP A 5 -12.24 10.84 -7.03
N LEU A 6 -13.25 10.44 -6.29
CA LEU A 6 -14.22 9.49 -6.82
C LEU A 6 -15.20 10.13 -7.81
N SER A 7 -15.42 11.44 -7.74
CA SER A 7 -16.36 12.11 -8.65
C SER A 7 -16.00 11.89 -10.14
N SER A 8 -14.69 11.84 -10.43
CA SER A 8 -14.18 11.65 -11.78
C SER A 8 -13.51 10.29 -11.98
N ALA A 9 -13.71 9.36 -11.04
CA ALA A 9 -13.02 8.08 -11.07
C ALA A 9 -13.35 7.28 -12.33
N THR A 10 -12.28 6.86 -13.01
CA THR A 10 -12.33 5.92 -14.12
C THR A 10 -11.14 4.95 -13.95
N SER A 11 -11.11 3.89 -14.74
CA SER A 11 -9.96 2.98 -14.71
C SER A 11 -8.67 3.77 -14.99
N SER A 12 -8.73 4.65 -16.00
CA SER A 12 -7.56 5.44 -16.36
C SER A 12 -7.13 6.43 -15.28
N SER A 13 -8.09 7.09 -14.62
CA SER A 13 -7.71 8.08 -13.59
C SER A 13 -7.13 7.41 -12.35
N TYR A 14 -7.60 6.20 -12.03
CA TYR A 14 -7.04 5.44 -10.92
C TYR A 14 -5.59 5.00 -11.23
N LYS A 15 -5.37 4.50 -12.45
CA LYS A 15 -4.00 4.15 -12.88
C LYS A 15 -3.09 5.37 -12.84
N THR A 16 -3.59 6.53 -13.25
CA THR A 16 -2.80 7.75 -13.20
C THR A 16 -2.43 8.13 -11.75
N PHE A 17 -3.40 8.02 -10.84
CA PHE A 17 -3.16 8.25 -9.42
C PHE A 17 -2.04 7.34 -8.88
N ILE A 18 -2.12 6.05 -9.17
CA ILE A 18 -1.10 5.10 -8.67
C ILE A 18 0.28 5.40 -9.28
N LYS A 19 0.31 5.74 -10.56
CA LYS A 19 1.56 6.18 -11.20
C LYS A 19 2.15 7.40 -10.48
N ASN A 20 1.31 8.39 -10.17
CA ASN A 20 1.77 9.59 -9.49
C ASN A 20 2.23 9.32 -8.04
N LEU A 21 1.56 8.39 -7.36
CA LEU A 21 1.98 7.95 -6.03
C LEU A 21 3.39 7.32 -6.11
N ARG A 22 3.58 6.39 -7.03
CA ARG A 22 4.90 5.77 -7.23
C ARG A 22 5.97 6.83 -7.51
N GLU A 23 5.64 7.78 -8.39
CA GLU A 23 6.61 8.81 -8.81
C GLU A 23 7.00 9.76 -7.68
N ALA A 24 6.09 9.98 -6.73
CA ALA A 24 6.33 10.88 -5.60
C ALA A 24 7.35 10.32 -4.60
N LEU A 25 7.60 9.01 -4.64
CA LEU A 25 8.56 8.37 -3.74
C LEU A 25 9.98 8.55 -4.26
N PRO A 26 10.92 9.04 -3.43
CA PRO A 26 12.30 9.08 -3.88
C PRO A 26 12.86 7.66 -4.05
N LYS A 27 13.75 7.48 -5.03
CA LYS A 27 14.32 6.18 -5.34
C LYS A 27 15.84 6.19 -5.18
N ASP A 28 16.37 4.97 -4.98
CA ASP A 28 17.78 4.68 -4.90
C ASP A 28 18.23 3.94 -6.18
N GLY A 29 17.69 4.33 -7.33
CA GLY A 29 18.00 3.67 -8.61
C GLY A 29 17.04 2.53 -8.91
N LYS A 30 17.45 1.64 -9.83
CA LYS A 30 16.67 0.48 -10.23
C LYS A 30 17.52 -0.79 -10.19
N VAL A 31 16.89 -1.93 -9.93
CA VAL A 31 17.50 -3.26 -10.03
C VAL A 31 16.60 -4.08 -10.95
N TYR A 32 17.17 -4.65 -12.01
CA TYR A 32 16.38 -5.30 -13.07
C TYR A 32 15.20 -4.42 -13.53
N ASP A 33 15.48 -3.13 -13.68
CA ASP A 33 14.53 -2.13 -14.16
C ASP A 33 13.38 -1.82 -13.18
N ILE A 34 13.48 -2.29 -11.94
CA ILE A 34 12.48 -2.01 -10.90
C ILE A 34 13.05 -0.97 -9.92
N PRO A 35 12.35 0.16 -9.73
CA PRO A 35 12.83 1.15 -8.76
C PRO A 35 12.97 0.58 -7.33
N VAL A 36 14.08 0.92 -6.68
CA VAL A 36 14.35 0.55 -5.28
C VAL A 36 14.16 1.79 -4.39
N LEU A 37 13.50 1.59 -3.25
CA LEU A 37 13.29 2.69 -2.30
C LEU A 37 14.60 3.00 -1.53
N LEU A 38 14.68 4.20 -0.96
CA LEU A 38 15.86 4.60 -0.18
C LEU A 38 16.01 3.74 1.07
N SER A 39 17.24 3.63 1.58
CA SER A 39 17.50 2.96 2.86
C SER A 39 17.25 3.89 4.04
N THR A 40 17.51 5.18 3.83
CA THR A 40 17.38 6.19 4.87
C THR A 40 17.13 7.53 4.15
N VAL A 41 16.61 8.51 4.88
CA VAL A 41 16.31 9.81 4.30
C VAL A 41 16.15 10.83 5.42
N MET A 42 16.49 12.09 5.15
CA MET A 42 16.32 13.13 6.16
C MET A 42 14.84 13.32 6.52
N ASP A 43 14.60 13.70 7.77
CA ASP A 43 13.24 13.84 8.29
C ASP A 43 12.33 14.72 7.44
N SER A 44 12.88 15.81 6.90
CA SER A 44 12.07 16.75 6.10
C SER A 44 11.54 16.15 4.79
N ARG A 45 12.04 14.99 4.38
CA ARG A 45 11.64 14.31 3.16
C ARG A 45 11.13 12.88 3.40
N ARG A 46 10.84 12.58 4.66
CA ARG A 46 10.50 11.22 5.07
C ARG A 46 9.07 10.76 4.68
N PHE A 47 8.15 11.72 4.55
CA PHE A 47 6.73 11.39 4.31
C PHE A 47 6.19 12.08 3.07
N ILE A 48 5.31 11.39 2.35
CA ILE A 48 4.46 12.03 1.34
C ILE A 48 3.01 11.99 1.81
N LEU A 49 2.21 12.93 1.29
CA LEU A 49 0.80 13.03 1.62
C LEU A 49 -0.04 12.74 0.39
N ILE A 50 -1.07 11.92 0.56
CA ILE A 50 -2.02 11.65 -0.51
C ILE A 50 -3.45 11.97 -0.04
N ASP A 51 -4.23 12.59 -0.92
CA ASP A 51 -5.62 12.94 -0.61
C ASP A 51 -6.57 11.97 -1.32
N LEU A 52 -7.59 11.51 -0.59
CA LEU A 52 -8.60 10.61 -1.11
C LEU A 52 -9.97 11.25 -0.85
N VAL A 53 -10.77 11.44 -1.90
CA VAL A 53 -12.03 12.17 -1.81
C VAL A 53 -13.22 11.28 -2.24
N ASN A 54 -14.23 11.16 -1.38
CA ASN A 54 -15.38 10.28 -1.67
C ASN A 54 -16.40 10.94 -2.64
N TYR A 55 -17.46 10.21 -2.98
CA TYR A 55 -18.46 10.76 -3.92
C TYR A 55 -19.05 12.05 -3.39
N ASP A 56 -19.22 12.15 -2.06
CA ASP A 56 -19.77 13.35 -1.44
C ASP A 56 -18.75 14.46 -1.20
N GLY A 57 -17.56 14.36 -1.79
CA GLY A 57 -16.61 15.47 -1.75
C GLY A 57 -15.90 15.66 -0.43
N GLN A 58 -15.92 14.64 0.43
CA GLN A 58 -15.25 14.66 1.73
C GLN A 58 -13.89 13.99 1.57
N SER A 59 -12.86 14.67 2.07
CA SER A 59 -11.47 14.28 1.87
C SER A 59 -10.79 13.82 3.15
N ILE A 60 -9.98 12.77 3.04
CA ILE A 60 -8.98 12.44 4.06
C ILE A 60 -7.61 12.52 3.41
N THR A 61 -6.59 12.75 4.24
CA THR A 61 -5.20 12.77 3.77
C THR A 61 -4.43 11.67 4.51
N ALA A 62 -3.82 10.76 3.75
CA ALA A 62 -2.98 9.71 4.34
C ALA A 62 -1.50 10.10 4.21
N ALA A 63 -0.75 9.87 5.28
CA ALA A 63 0.71 10.09 5.29
C ALA A 63 1.42 8.75 5.09
N ILE A 64 2.33 8.72 4.11
CA ILE A 64 3.06 7.50 3.73
C ILE A 64 4.56 7.70 3.97
N ASP A 65 5.15 6.71 4.67
CA ASP A 65 6.59 6.64 4.89
C ASP A 65 7.27 6.24 3.56
N VAL A 66 8.12 7.12 3.03
CA VAL A 66 8.70 6.87 1.71
C VAL A 66 9.67 5.67 1.67
N LEU A 67 10.17 5.26 2.83
CA LEU A 67 11.12 4.15 2.86
C LEU A 67 10.45 2.80 2.64
N ASN A 68 9.17 2.68 2.96
CA ASN A 68 8.51 1.37 2.87
C ASN A 68 7.07 1.39 2.32
N VAL A 69 6.60 2.57 1.90
CA VAL A 69 5.23 2.77 1.42
C VAL A 69 4.14 2.50 2.49
N TYR A 70 4.52 2.45 3.77
CA TYR A 70 3.52 2.25 4.83
C TYR A 70 2.71 3.52 5.07
N ILE A 71 1.40 3.38 5.20
CA ILE A 71 0.58 4.45 5.77
C ILE A 71 0.86 4.48 7.28
N VAL A 72 1.26 5.65 7.78
CA VAL A 72 1.53 5.82 9.22
C VAL A 72 0.41 6.55 9.97
N ALA A 73 -0.40 7.32 9.25
CA ALA A 73 -1.41 8.19 9.89
C ALA A 73 -2.35 8.71 8.81
N TYR A 74 -3.52 9.18 9.24
CA TYR A 74 -4.38 9.94 8.32
C TYR A 74 -5.04 11.09 9.07
N SER A 75 -5.52 12.05 8.30
CA SER A 75 -6.17 13.24 8.85
C SER A 75 -7.52 13.52 8.17
N THR A 76 -8.48 14.00 8.97
CA THR A 76 -9.77 14.49 8.45
C THR A 76 -9.69 16.00 8.12
N GLY A 77 -8.54 16.62 8.37
CA GLY A 77 -8.39 18.07 8.24
C GLY A 77 -8.38 18.75 9.60
N THR A 78 -9.08 18.15 10.57
CA THR A 78 -9.17 18.69 11.93
C THR A 78 -8.65 17.72 13.02
N VAL A 79 -8.76 16.42 12.78
CA VAL A 79 -8.32 15.39 13.72
C VAL A 79 -7.48 14.38 12.93
N SER A 80 -6.36 13.95 13.51
CA SER A 80 -5.51 12.96 12.87
C SER A 80 -5.34 11.73 13.76
N TYR A 81 -5.07 10.61 13.10
CA TYR A 81 -5.00 9.30 13.74
C TYR A 81 -3.72 8.62 13.30
N PHE A 82 -2.89 8.24 14.29
CA PHE A 82 -1.57 7.60 14.07
C PHE A 82 -1.63 6.13 14.49
N PHE A 83 -1.09 5.24 13.67
CA PHE A 83 -0.93 3.86 14.13
C PHE A 83 0.00 3.79 15.35
N GLN A 84 -0.18 2.73 16.14
CA GLN A 84 0.85 2.40 17.14
C GLN A 84 2.16 2.02 16.42
N GLN A 85 3.28 2.35 17.07
CA GLN A 85 4.64 1.95 16.65
C GLN A 85 5.12 2.54 15.31
N VAL A 86 4.56 3.67 14.90
CA VAL A 86 5.08 4.35 13.72
C VAL A 86 6.42 5.03 14.02
N PRO A 87 7.15 5.46 12.97
CA PRO A 87 8.39 6.17 13.23
C PRO A 87 8.19 7.31 14.23
N ALA A 88 9.09 7.40 15.22
CA ALA A 88 8.92 8.30 16.36
C ALA A 88 8.74 9.77 15.96
N GLN A 89 9.34 10.18 14.84
CA GLN A 89 9.25 11.57 14.39
C GLN A 89 7.95 11.93 13.66
N ALA A 90 7.11 10.93 13.36
CA ALA A 90 5.88 11.18 12.60
C ALA A 90 4.92 12.23 13.22
N PRO A 91 4.54 12.08 14.51
CA PRO A 91 3.64 13.10 15.11
C PRO A 91 4.15 14.54 15.08
N LYS A 92 5.44 14.72 15.31
CA LYS A 92 6.02 16.06 15.27
C LYS A 92 5.99 16.68 13.87
N LEU A 93 6.15 15.86 12.84
CA LEU A 93 6.31 16.32 11.45
C LEU A 93 4.98 16.45 10.69
N LEU A 94 3.95 15.70 11.10
CA LEU A 94 2.72 15.53 10.30
C LEU A 94 1.49 16.14 10.97
N PHE A 95 0.63 16.74 10.15
CA PHE A 95 -0.69 17.18 10.59
C PHE A 95 -0.60 18.07 11.85
N LYS A 96 0.34 19.00 11.82
CA LYS A 96 0.53 19.93 12.91
C LYS A 96 -0.68 20.87 12.94
N GLY A 97 -1.22 21.11 14.12
CA GLY A 97 -2.43 21.93 14.24
C GLY A 97 -3.72 21.11 14.39
N THR A 98 -3.71 19.85 13.98
CA THR A 98 -4.85 18.98 14.21
C THR A 98 -4.81 18.44 15.64
N GLN A 99 -5.93 17.92 16.10
CA GLN A 99 -5.94 17.11 17.31
C GLN A 99 -5.43 15.71 16.96
N GLN A 100 -4.30 15.32 17.55
CA GLN A 100 -3.65 14.04 17.21
C GLN A 100 -4.06 12.93 18.18
N ARG A 101 -4.60 11.84 17.62
CA ARG A 101 -5.01 10.66 18.37
C ARG A 101 -4.17 9.44 17.93
N THR A 102 -4.12 8.41 18.77
CA THR A 102 -3.51 7.13 18.41
C THR A 102 -4.60 6.08 18.18
N LEU A 103 -4.44 5.33 17.10
CA LEU A 103 -5.28 4.16 16.81
C LEU A 103 -4.85 3.02 17.72
N PRO A 104 -5.81 2.17 18.14
CA PRO A 104 -5.54 1.10 19.10
C PRO A 104 -4.87 -0.17 18.51
N TYR A 105 -4.06 -0.02 17.46
CA TYR A 105 -3.36 -1.14 16.83
C TYR A 105 -2.23 -0.59 15.96
N THR A 106 -1.30 -1.46 15.59
CA THR A 106 -0.31 -1.15 14.58
C THR A 106 -0.92 -1.32 13.19
N GLY A 107 -0.18 -0.90 12.17
CA GLY A 107 -0.61 -1.02 10.78
C GLY A 107 -0.27 -2.35 10.11
N ASN A 108 0.28 -3.31 10.84
CA ASN A 108 0.56 -4.60 10.19
C ASN A 108 -0.74 -5.40 10.02
N TYR A 109 -0.74 -6.29 9.02
CA TYR A 109 -1.97 -7.02 8.69
C TYR A 109 -2.48 -7.91 9.83
N GLU A 110 -1.58 -8.54 10.58
CA GLU A 110 -2.01 -9.39 11.69
C GLU A 110 -2.85 -8.57 12.67
N ASN A 111 -2.35 -7.39 13.04
CA ASN A 111 -3.01 -6.57 14.04
C ASN A 111 -4.28 -5.93 13.49
N LEU A 112 -4.26 -5.48 12.23
CA LEU A 112 -5.47 -4.94 11.61
C LEU A 112 -6.58 -5.98 11.46
N GLN A 113 -6.22 -7.20 11.05
CA GLN A 113 -7.21 -8.27 10.94
C GLN A 113 -7.83 -8.59 12.31
N THR A 114 -7.02 -8.64 13.36
CA THR A 114 -7.54 -8.84 14.71
C THR A 114 -8.54 -7.75 15.09
N ALA A 115 -8.18 -6.50 14.80
CA ALA A 115 -9.04 -5.35 15.12
C ALA A 115 -10.34 -5.35 14.31
N ALA A 116 -10.26 -5.76 13.04
CA ALA A 116 -11.43 -5.86 12.15
C ALA A 116 -12.29 -7.10 12.44
N LYS A 117 -11.72 -8.07 13.16
CA LYS A 117 -12.36 -9.36 13.42
C LYS A 117 -12.71 -10.07 12.11
N LYS A 118 -11.82 -9.94 11.14
CA LYS A 118 -11.95 -10.64 9.86
C LYS A 118 -10.67 -10.56 9.02
N LEU A 119 -10.60 -11.47 8.04
CA LEU A 119 -9.46 -11.61 7.13
C LEU A 119 -9.55 -10.63 5.95
N ARG A 120 -8.40 -10.26 5.37
CA ARG A 120 -8.35 -9.48 4.12
C ARG A 120 -9.27 -10.11 3.06
N GLU A 121 -9.28 -11.44 2.95
CA GLU A 121 -10.12 -12.11 1.94
C GLU A 121 -11.63 -12.01 2.22
N ASN A 122 -12.00 -11.55 3.41
CA ASN A 122 -13.41 -11.30 3.80
C ASN A 122 -13.86 -9.87 3.55
N ILE A 123 -12.97 -9.00 3.07
CA ILE A 123 -13.23 -7.56 2.99
C ILE A 123 -13.21 -7.11 1.53
N GLU A 124 -14.31 -6.49 1.08
CA GLU A 124 -14.42 -6.03 -0.30
C GLU A 124 -13.46 -4.89 -0.64
N LEU A 125 -12.90 -5.00 -1.84
CA LEU A 125 -12.13 -3.95 -2.52
C LEU A 125 -12.89 -3.51 -3.77
N GLY A 126 -12.30 -2.58 -4.52
CA GLY A 126 -12.94 -1.91 -5.63
C GLY A 126 -13.21 -0.46 -5.27
N LEU A 127 -13.46 0.39 -6.26
CA LEU A 127 -13.63 1.81 -5.97
C LEU A 127 -14.87 2.13 -5.10
N PRO A 128 -15.99 1.40 -5.27
CA PRO A 128 -17.11 1.65 -4.33
C PRO A 128 -16.74 1.33 -2.86
N ALA A 129 -15.89 0.33 -2.66
CA ALA A 129 -15.37 0.02 -1.33
C ALA A 129 -14.45 1.12 -0.81
N LEU A 130 -13.66 1.73 -1.69
CA LEU A 130 -12.84 2.89 -1.30
C LEU A 130 -13.74 4.05 -0.86
N ASP A 131 -14.82 4.30 -1.60
CA ASP A 131 -15.77 5.35 -1.20
C ASP A 131 -16.24 5.13 0.24
N SER A 132 -16.67 3.90 0.53
CA SER A 132 -17.20 3.58 1.86
C SER A 132 -16.12 3.70 2.94
N ALA A 133 -14.89 3.30 2.60
CA ALA A 133 -13.76 3.38 3.53
C ALA A 133 -13.44 4.83 3.88
N ILE A 134 -13.42 5.71 2.87
CA ILE A 134 -13.16 7.13 3.11
C ILE A 134 -14.23 7.68 4.06
N THR A 135 -15.49 7.37 3.80
CA THR A 135 -16.59 7.86 4.63
C THR A 135 -16.44 7.38 6.09
N THR A 136 -16.10 6.11 6.26
CA THR A 136 -15.91 5.52 7.59
C THR A 136 -14.79 6.22 8.35
N LEU A 137 -13.68 6.53 7.67
CA LEU A 137 -12.54 7.16 8.31
C LEU A 137 -12.75 8.67 8.56
N PHE A 138 -13.48 9.33 7.66
CA PHE A 138 -13.82 10.75 7.83
C PHE A 138 -14.71 10.95 9.06
N HIS A 139 -15.66 10.03 9.24
CA HIS A 139 -16.57 9.99 10.39
C HIS A 139 -16.10 8.86 11.31
N TYR A 140 -14.89 9.00 11.85
CA TYR A 140 -14.20 7.91 12.55
C TYR A 140 -15.07 7.21 13.62
N ASN A 141 -15.21 5.89 13.44
CA ASN A 141 -15.85 5.01 14.42
C ASN A 141 -14.86 3.89 14.71
N ALA A 142 -14.57 3.68 16.00
CA ALA A 142 -13.47 2.79 16.39
C ALA A 142 -13.68 1.35 15.93
N GLU A 143 -14.93 0.89 15.96
CA GLU A 143 -15.26 -0.49 15.61
C GLU A 143 -15.14 -0.79 14.11
N ALA A 144 -15.39 0.23 13.28
CA ALA A 144 -15.42 0.05 11.81
C ALA A 144 -14.11 0.43 11.11
N ALA A 145 -13.21 1.12 11.81
CA ALA A 145 -12.07 1.75 11.14
C ALA A 145 -11.02 0.75 10.64
N ALA A 146 -10.78 -0.35 11.36
CA ALA A 146 -9.72 -1.28 10.94
C ALA A 146 -10.01 -1.85 9.54
N SER A 147 -11.25 -2.25 9.30
CA SER A 147 -11.62 -2.77 7.99
C SER A 147 -11.43 -1.69 6.90
N ALA A 148 -11.83 -0.45 7.21
CA ALA A 148 -11.65 0.66 6.26
C ALA A 148 -10.16 0.91 5.97
N LEU A 149 -9.32 0.82 7.01
CA LEU A 149 -7.88 0.99 6.81
C LEU A 149 -7.29 -0.14 5.96
N LEU A 150 -7.78 -1.37 6.12
CA LEU A 150 -7.35 -2.47 5.25
C LEU A 150 -7.70 -2.17 3.77
N VAL A 151 -8.88 -1.61 3.52
CA VAL A 151 -9.23 -1.20 2.15
C VAL A 151 -8.26 -0.11 1.66
N LEU A 152 -8.06 0.92 2.49
CA LEU A 152 -7.21 2.05 2.10
C LEU A 152 -5.78 1.60 1.78
N ILE A 153 -5.20 0.77 2.64
CA ILE A 153 -3.82 0.31 2.48
C ILE A 153 -3.66 -0.49 1.18
N GLN A 154 -4.60 -1.41 0.92
CA GLN A 154 -4.46 -2.23 -0.28
C GLN A 154 -4.67 -1.42 -1.57
N THR A 155 -5.49 -0.38 -1.48
CA THR A 155 -5.84 0.44 -2.63
C THR A 155 -4.76 1.49 -2.97
N THR A 156 -3.83 1.73 -2.02
CA THR A 156 -2.78 2.72 -2.19
C THR A 156 -1.40 2.01 -2.15
N SER A 157 -0.93 1.65 -0.95
CA SER A 157 0.37 0.99 -0.79
C SER A 157 0.53 -0.25 -1.67
N GLU A 158 -0.42 -1.18 -1.59
CA GLU A 158 -0.23 -2.46 -2.30
C GLU A 158 -0.36 -2.30 -3.82
N ALA A 159 -1.29 -1.46 -4.26
CA ALA A 159 -1.41 -1.17 -5.69
C ALA A 159 -0.12 -0.50 -6.22
N ALA A 160 0.48 0.38 -5.43
CA ALA A 160 1.73 1.02 -5.83
C ALA A 160 2.85 -0.03 -5.98
N ARG A 161 2.88 -1.02 -5.09
CA ARG A 161 3.92 -2.05 -5.13
C ARG A 161 3.76 -3.06 -6.27
N PHE A 162 2.52 -3.37 -6.66
CA PHE A 162 2.25 -4.46 -7.62
C PHE A 162 1.26 -4.04 -8.71
N ARG A 163 1.71 -4.09 -9.96
CA ARG A 163 0.84 -3.83 -11.10
C ARG A 163 -0.40 -4.75 -11.08
N TYR A 164 -0.24 -6.02 -10.69
CA TYR A 164 -1.38 -6.94 -10.68
C TYR A 164 -2.50 -6.41 -9.80
N ILE A 165 -2.15 -5.90 -8.62
CA ILE A 165 -3.14 -5.38 -7.66
C ILE A 165 -3.77 -4.08 -8.17
N GLU A 166 -2.93 -3.17 -8.68
CA GLU A 166 -3.40 -1.95 -9.33
C GLU A 166 -4.49 -2.28 -10.38
N LEU A 167 -4.21 -3.24 -11.25
CA LEU A 167 -5.14 -3.57 -12.34
C LEU A 167 -6.44 -4.22 -11.83
N GLN A 168 -6.36 -5.08 -10.81
CA GLN A 168 -7.59 -5.67 -10.26
C GLN A 168 -8.53 -4.58 -9.75
N ILE A 169 -7.97 -3.58 -9.07
CA ILE A 169 -8.79 -2.48 -8.54
C ILE A 169 -9.29 -1.57 -9.67
N ALA A 170 -8.43 -1.26 -10.64
CA ALA A 170 -8.82 -0.45 -11.79
C ALA A 170 -9.96 -1.08 -12.59
N ASN A 171 -10.05 -2.41 -12.55
CA ASN A 171 -11.11 -3.17 -13.24
C ASN A 171 -12.43 -3.24 -12.44
N ASN A 172 -12.47 -2.59 -11.27
CA ASN A 172 -13.64 -2.58 -10.40
C ASN A 172 -13.99 -1.14 -10.01
N VAL A 173 -14.28 -0.33 -11.02
CA VAL A 173 -14.69 1.06 -10.79
C VAL A 173 -16.08 1.16 -10.17
N GLY A 174 -17.02 0.37 -10.68
CA GLY A 174 -18.40 0.40 -10.20
C GLY A 174 -18.86 -0.86 -9.49
N THR A 175 -17.92 -1.80 -9.31
CA THR A 175 -18.21 -3.09 -8.70
C THR A 175 -17.23 -3.36 -7.56
N LYS A 176 -17.56 -4.35 -6.74
CA LYS A 176 -16.72 -4.76 -5.63
C LYS A 176 -16.32 -6.22 -5.77
N PHE A 177 -15.20 -6.56 -5.15
CA PHE A 177 -14.68 -7.92 -5.18
C PHE A 177 -13.86 -8.17 -3.93
N LYS A 178 -13.75 -9.42 -3.53
CA LYS A 178 -12.89 -9.80 -2.41
C LYS A 178 -11.57 -10.32 -2.98
N PRO A 179 -10.42 -9.90 -2.39
CA PRO A 179 -9.16 -10.25 -3.01
C PRO A 179 -8.86 -11.75 -2.96
N SER A 180 -8.32 -12.25 -4.07
CA SER A 180 -7.92 -13.65 -4.19
C SER A 180 -6.66 -13.93 -3.39
N GLN A 181 -6.36 -15.22 -3.21
CA GLN A 181 -5.10 -15.63 -2.61
C GLN A 181 -3.89 -15.23 -3.47
N THR A 182 -4.08 -15.00 -4.77
CA THR A 182 -3.01 -14.44 -5.58
C THR A 182 -2.59 -13.07 -5.04
N ILE A 183 -3.57 -12.19 -4.85
CA ILE A 183 -3.32 -10.86 -4.29
C ILE A 183 -2.68 -10.95 -2.90
N ILE A 184 -3.25 -11.78 -2.04
CA ILE A 184 -2.76 -11.95 -0.67
C ILE A 184 -1.29 -12.43 -0.68
N SER A 185 -0.98 -13.37 -1.58
CA SER A 185 0.38 -13.90 -1.67
C SER A 185 1.40 -12.82 -2.06
N LEU A 186 1.02 -11.91 -2.96
CA LEU A 186 1.91 -10.81 -3.35
C LEU A 186 2.15 -9.89 -2.15
N GLU A 187 1.07 -9.50 -1.49
CA GLU A 187 1.17 -8.62 -0.32
C GLU A 187 2.10 -9.24 0.74
N ASN A 188 1.89 -10.52 1.04
CA ASN A 188 2.64 -11.21 2.09
C ASN A 188 4.14 -11.33 1.77
N ASN A 189 4.46 -11.36 0.48
CA ASN A 189 5.83 -11.64 0.04
C ASN A 189 6.57 -10.43 -0.57
N TRP A 190 6.06 -9.21 -0.36
CA TRP A 190 6.72 -8.03 -0.92
C TRP A 190 8.17 -7.90 -0.42
N SER A 191 8.37 -8.02 0.89
CA SER A 191 9.72 -7.89 1.44
C SER A 191 10.64 -9.03 0.96
N ALA A 192 10.11 -10.27 0.94
CA ALA A 192 10.89 -11.43 0.48
C ALA A 192 11.30 -11.30 -0.99
N LEU A 193 10.36 -10.90 -1.85
CA LEU A 193 10.68 -10.68 -3.26
C LEU A 193 11.72 -9.57 -3.41
N SER A 194 11.53 -8.47 -2.68
CA SER A 194 12.49 -7.37 -2.70
C SER A 194 13.92 -7.83 -2.36
N LYS A 195 14.03 -8.59 -1.27
CA LYS A 195 15.30 -9.14 -0.82
C LYS A 195 15.94 -10.01 -1.91
N GLN A 196 15.18 -10.97 -2.44
CA GLN A 196 15.74 -11.95 -3.38
C GLN A 196 16.14 -11.32 -4.72
N ILE A 197 15.37 -10.33 -5.19
CA ILE A 197 15.70 -9.67 -6.44
C ILE A 197 17.02 -8.90 -6.31
N GLN A 198 17.22 -8.25 -5.16
CA GLN A 198 18.47 -7.53 -4.91
C GLN A 198 19.67 -8.48 -4.70
N ILE A 199 19.46 -9.63 -4.05
CA ILE A 199 20.50 -10.66 -3.94
C ILE A 199 20.87 -11.21 -5.33
N ALA A 200 19.84 -11.44 -6.15
CA ALA A 200 20.00 -12.05 -7.47
C ALA A 200 20.93 -11.25 -8.39
N LYS A 201 20.97 -9.92 -8.21
CA LYS A 201 21.86 -9.05 -8.98
C LYS A 201 23.32 -9.49 -8.94
N ASN A 202 23.74 -10.06 -7.82
CA ASN A 202 25.11 -10.59 -7.67
C ASN A 202 25.18 -12.12 -7.79
N LYS A 203 24.16 -12.73 -8.40
CA LYS A 203 24.11 -14.19 -8.56
C LYS A 203 23.54 -14.60 -9.93
N ASN A 204 23.83 -13.79 -10.96
CA ASN A 204 23.38 -14.06 -12.32
C ASN A 204 21.86 -14.25 -12.44
N GLY A 205 21.10 -13.50 -11.65
CA GLY A 205 19.63 -13.54 -11.70
C GLY A 205 18.96 -14.62 -10.85
N GLN A 206 19.75 -15.38 -10.10
CA GLN A 206 19.22 -16.48 -9.29
C GLN A 206 18.95 -16.03 -7.85
N PHE A 207 17.76 -16.37 -7.34
CA PHE A 207 17.41 -16.14 -5.93
C PHE A 207 18.29 -17.04 -5.04
N GLU A 208 18.62 -16.56 -3.85
CA GLU A 208 19.25 -17.39 -2.82
C GLU A 208 18.25 -18.37 -2.21
N THR A 209 17.04 -17.88 -1.95
CA THR A 209 15.97 -18.67 -1.35
C THR A 209 14.70 -18.49 -2.19
N PRO A 210 14.01 -19.59 -2.56
CA PRO A 210 12.78 -19.45 -3.34
C PRO A 210 11.68 -18.67 -2.63
N VAL A 211 10.80 -18.04 -3.41
CA VAL A 211 9.59 -17.40 -2.88
C VAL A 211 8.38 -18.16 -3.41
N ILE A 212 7.49 -18.59 -2.52
CA ILE A 212 6.30 -19.35 -2.94
C ILE A 212 5.09 -18.41 -3.05
N LEU A 213 4.51 -18.34 -4.25
CA LEU A 213 3.32 -17.52 -4.52
C LEU A 213 2.15 -18.41 -4.95
N ILE A 214 0.98 -17.79 -5.06
CA ILE A 214 -0.22 -18.43 -5.60
C ILE A 214 -0.52 -17.74 -6.94
N ASP A 215 -0.57 -18.52 -8.02
CA ASP A 215 -0.85 -17.96 -9.34
C ASP A 215 -2.36 -17.64 -9.47
N PRO A 216 -2.75 -16.89 -10.52
CA PRO A 216 -4.18 -16.54 -10.68
C PRO A 216 -5.17 -17.71 -10.70
N GLN A 217 -4.74 -18.88 -11.15
CA GLN A 217 -5.60 -20.07 -11.15
C GLN A 217 -5.65 -20.78 -9.78
N GLY A 218 -4.88 -20.27 -8.82
CA GLY A 218 -4.85 -20.83 -7.47
C GLY A 218 -3.77 -21.85 -7.23
N ASN A 219 -2.85 -22.01 -8.19
CA ASN A 219 -1.79 -23.00 -8.06
C ASN A 219 -0.61 -22.46 -7.25
N ARG A 220 -0.03 -23.31 -6.41
CA ARG A 220 1.24 -23.02 -5.76
C ARG A 220 2.30 -22.92 -6.86
N VAL A 221 3.09 -21.84 -6.85
CA VAL A 221 4.21 -21.70 -7.76
C VAL A 221 5.46 -21.24 -7.01
N GLN A 222 6.62 -21.72 -7.44
CA GLN A 222 7.88 -21.40 -6.81
C GLN A 222 8.69 -20.45 -7.71
N ILE A 223 9.03 -19.29 -7.16
CA ILE A 223 9.81 -18.29 -7.89
C ILE A 223 11.27 -18.42 -7.46
N THR A 224 12.16 -18.64 -8.42
CA THR A 224 13.57 -18.88 -8.14
C THR A 224 14.56 -17.97 -8.87
N ASN A 225 14.07 -17.16 -9.82
CA ASN A 225 14.95 -16.27 -10.57
C ASN A 225 14.19 -15.10 -11.19
N VAL A 226 14.93 -14.15 -11.75
CA VAL A 226 14.36 -12.88 -12.21
C VAL A 226 13.64 -12.95 -13.56
N THR A 227 13.60 -14.11 -14.20
CA THR A 227 12.87 -14.28 -15.47
C THR A 227 11.36 -14.49 -15.26
N SER A 228 10.95 -14.75 -14.02
CA SER A 228 9.54 -14.95 -13.70
C SER A 228 8.70 -13.68 -13.93
N ASN A 229 7.46 -13.89 -14.34
CA ASN A 229 6.49 -12.83 -14.58
C ASN A 229 6.35 -11.85 -13.41
N VAL A 230 6.42 -12.34 -12.17
CA VAL A 230 6.26 -11.44 -11.02
C VAL A 230 7.38 -10.39 -10.98
N VAL A 231 8.56 -10.77 -11.45
CA VAL A 231 9.71 -9.85 -11.48
C VAL A 231 9.71 -8.97 -12.74
N THR A 232 9.36 -9.53 -13.90
CA THR A 232 9.47 -8.79 -15.15
C THR A 232 8.27 -7.87 -15.46
N GLN A 233 7.09 -8.20 -14.93
CA GLN A 233 5.87 -7.44 -15.27
C GLN A 233 4.81 -7.41 -14.16
N ASN A 234 5.25 -7.25 -12.92
CA ASN A 234 4.31 -7.11 -11.81
C ASN A 234 4.86 -6.17 -10.74
N ILE A 235 5.90 -6.58 -10.02
CA ILE A 235 6.42 -5.74 -8.94
C ILE A 235 6.98 -4.40 -9.49
N GLN A 236 6.63 -3.30 -8.82
CA GLN A 236 6.97 -1.95 -9.32
C GLN A 236 7.82 -1.13 -8.35
N LEU A 237 7.99 -1.61 -7.11
CA LEU A 237 8.82 -0.95 -6.10
C LEU A 237 9.48 -2.03 -5.27
N LEU A 238 10.78 -1.89 -4.97
CA LEU A 238 11.47 -2.80 -4.04
C LEU A 238 11.79 -2.12 -2.73
N LEU A 239 11.47 -2.79 -1.62
CA LEU A 239 11.97 -2.41 -0.31
C LEU A 239 13.50 -2.51 -0.35
N ASN A 240 14.21 -1.51 0.18
CA ASN A 240 15.67 -1.56 0.19
C ASN A 240 16.16 -2.79 0.97
N ILE A 241 17.20 -3.45 0.45
CA ILE A 241 17.77 -4.62 1.09
C ILE A 241 18.11 -4.39 2.56
N GLY A 242 18.50 -3.16 2.91
CA GLY A 242 18.82 -2.79 4.30
C GLY A 242 17.69 -3.00 5.30
N ALA A 243 16.45 -3.02 4.82
CA ALA A 243 15.26 -3.18 5.67
C ALA A 243 14.60 -4.56 5.57
N THR A 244 15.18 -5.48 4.81
CA THR A 244 14.58 -6.81 4.60
C THR A 244 15.02 -7.81 5.66
#